data_4RPD
#
_entry.id   4RPD
#
_cell.length_a   99.410
_cell.length_b   73.500
_cell.length_c   81.810
_cell.angle_alpha   90.00
_cell.angle_beta   94.11
_cell.angle_gamma   90.00
#
_symmetry.space_group_name_H-M   'C 1 2 1'
#
loop_
_entity.id
_entity.type
_entity.pdbx_description
1 polymer 'Capsid protein'
2 water water
#
_entity_poly.entity_id   1
_entity_poly.type   'polypeptide(L)'
_entity_poly.pdbx_seq_one_letter_code
;GPGSKPFTLPILTIGELSNSRFPAPIDELYTSPNEGLVVQPQNGRSTLDGELLGTTQLVPSNICSLRGRINAHLPDNQHR
WNMQVTNANGTPFDPTEDVPAPLGTPDFLANIYGVTSQRNPDNTCRAHDGILATWSPKFTPKLGSVVLGTWEDRDFDINQ
PTRFTPVGLYDTDHFNQWALPNYSGALTLNMNLAPSVAPLFPGEQLLFFRSHIPLKGGTSNGAIDCLLPQEWVQHFYQES
APSSTDVALIRYTNPDTGRVLFEAKLHRQGFITVANSGSRPIVVPPNGYFRFDSWVNQFYSLAPM
;
_entity_poly.pdbx_strand_id   A,B
#
# COMPACT_ATOMS: atom_id res chain seq x y z
N SER A 4 -31.43 -8.83 -5.06
CA SER A 4 -30.22 -8.51 -4.32
C SER A 4 -29.18 -7.84 -5.20
N LYS A 5 -28.31 -7.06 -4.58
CA LYS A 5 -27.15 -6.54 -5.26
C LYS A 5 -26.21 -7.72 -5.55
N PRO A 6 -25.95 -8.01 -6.83
CA PRO A 6 -25.12 -9.18 -7.13
C PRO A 6 -23.72 -9.10 -6.54
N PHE A 7 -23.27 -10.22 -6.00
CA PHE A 7 -21.90 -10.36 -5.51
C PHE A 7 -20.91 -10.45 -6.66
N THR A 8 -19.77 -9.78 -6.50
CA THR A 8 -18.72 -9.80 -7.50
C THR A 8 -17.35 -9.82 -6.83
N LEU A 9 -16.36 -10.31 -7.58
CA LEU A 9 -14.96 -10.15 -7.25
C LEU A 9 -14.32 -9.09 -8.15
N PRO A 10 -13.28 -8.41 -7.65
CA PRO A 10 -12.64 -7.42 -8.52
C PRO A 10 -11.86 -8.08 -9.65
N ILE A 11 -11.74 -7.38 -10.78
CA ILE A 11 -11.02 -7.91 -11.93
C ILE A 11 -9.53 -7.59 -11.78
N LEU A 12 -8.80 -8.53 -11.15
CA LEU A 12 -7.41 -8.33 -10.78
C LEU A 12 -6.65 -9.64 -10.91
N THR A 13 -5.63 -9.64 -11.75
CA THR A 13 -4.75 -10.81 -11.91
C THR A 13 -3.85 -10.96 -10.68
N ILE A 14 -3.11 -12.06 -10.60
CA ILE A 14 -2.32 -12.28 -9.41
C ILE A 14 -1.22 -11.22 -9.28
N GLY A 15 -0.74 -10.70 -10.41
CA GLY A 15 0.23 -9.63 -10.41
C GLY A 15 -0.31 -8.25 -10.12
N GLU A 16 -1.62 -8.19 -9.89
CA GLU A 16 -2.33 -6.96 -9.51
C GLU A 16 -2.91 -7.00 -8.10
N LEU A 17 -2.53 -8.02 -7.32
CA LEU A 17 -3.02 -8.20 -5.96
C LEU A 17 -1.95 -7.94 -4.88
N SER A 18 -2.43 -7.51 -3.72
CA SER A 18 -1.61 -7.16 -2.56
C SER A 18 -1.92 -8.01 -1.36
N ASN A 19 -0.91 -8.27 -0.53
CA ASN A 19 -1.14 -8.96 0.73
C ASN A 19 -1.87 -8.05 1.69
N SER A 20 -2.81 -8.61 2.44
CA SER A 20 -3.57 -7.86 3.45
C SER A 20 -2.97 -7.99 4.85
N ARG A 21 -1.92 -8.81 5.01
CA ARG A 21 -1.28 -8.98 6.32
C ARG A 21 0.13 -8.37 6.40
N PHE A 22 0.69 -7.97 5.27
CA PHE A 22 1.99 -7.31 5.23
C PHE A 22 2.04 -6.51 3.95
N PRO A 23 2.68 -5.33 3.97
CA PRO A 23 2.71 -4.56 2.71
C PRO A 23 3.65 -5.20 1.68
N ALA A 24 3.06 -5.94 0.76
CA ALA A 24 3.82 -6.69 -0.23
C ALA A 24 2.88 -7.12 -1.34
N PRO A 25 3.42 -7.26 -2.56
CA PRO A 25 2.61 -7.86 -3.63
C PRO A 25 2.37 -9.34 -3.36
N ILE A 26 1.26 -9.87 -3.85
CA ILE A 26 1.08 -11.33 -3.83
C ILE A 26 2.04 -11.97 -4.83
N ASP A 27 2.77 -13.00 -4.38
CA ASP A 27 3.72 -13.72 -5.23
C ASP A 27 3.14 -15.00 -5.85
N GLU A 28 2.33 -15.73 -5.09
CA GLU A 28 1.73 -16.95 -5.59
C GLU A 28 0.53 -17.35 -4.71
N LEU A 29 -0.29 -18.26 -5.25
CA LEU A 29 -1.28 -18.94 -4.46
C LEU A 29 -0.60 -20.13 -3.81
N TYR A 30 -1.07 -20.52 -2.63
CA TYR A 30 -0.45 -21.63 -1.89
C TYR A 30 -1.51 -22.39 -1.11
N THR A 31 -1.35 -23.71 -0.99
CA THR A 31 -2.26 -24.47 -0.16
C THR A 31 -1.45 -25.39 0.69
N SER A 32 -2.00 -25.65 1.86
CA SER A 32 -1.31 -26.42 2.87
C SER A 32 -2.34 -26.95 3.86
N PRO A 33 -2.04 -28.09 4.48
CA PRO A 33 -2.93 -28.57 5.56
C PRO A 33 -2.76 -27.82 6.88
N ASN A 34 -1.61 -27.16 7.08
CA ASN A 34 -1.24 -26.58 8.38
C ASN A 34 -1.67 -27.47 9.55
N GLU A 35 -1.09 -28.67 9.58
CA GLU A 35 -1.45 -29.67 10.58
C GLU A 35 -1.16 -29.18 12.00
N GLY A 36 -2.18 -29.23 12.86
CA GLY A 36 -1.98 -28.96 14.27
C GLY A 36 -1.94 -27.49 14.68
N LEU A 37 -2.04 -26.59 13.71
CA LEU A 37 -1.97 -25.16 14.02
C LEU A 37 -3.35 -24.53 14.00
N VAL A 38 -3.50 -23.44 14.75
CA VAL A 38 -4.73 -22.66 14.71
C VAL A 38 -4.48 -21.45 13.79
N VAL A 39 -5.21 -21.39 12.68
CA VAL A 39 -5.07 -20.30 11.70
C VAL A 39 -6.10 -19.22 12.02
N GLN A 40 -5.60 -18.10 12.55
CA GLN A 40 -6.48 -17.05 13.07
C GLN A 40 -5.90 -15.68 12.85
N PRO A 41 -5.55 -15.36 11.60
CA PRO A 41 -5.03 -14.01 11.33
C PRO A 41 -6.08 -12.94 11.63
N GLN A 42 -5.62 -11.74 11.96
CA GLN A 42 -6.51 -10.65 12.32
C GLN A 42 -6.53 -9.52 11.28
N ASN A 43 -5.51 -9.46 10.44
CA ASN A 43 -5.54 -8.58 9.27
C ASN A 43 -6.01 -9.36 8.05
N GLY A 44 -6.57 -8.67 7.07
CA GLY A 44 -7.13 -9.33 5.90
C GLY A 44 -8.37 -10.15 6.18
N ARG A 45 -9.19 -9.66 7.11
CA ARG A 45 -10.40 -10.35 7.53
C ARG A 45 -11.62 -9.49 7.20
N SER A 46 -12.48 -10.04 6.36
CA SER A 46 -13.74 -9.41 5.99
C SER A 46 -14.75 -10.49 5.67
N THR A 47 -16.01 -10.27 6.05
CA THR A 47 -17.09 -11.06 5.46
C THR A 47 -17.25 -10.70 3.98
N LEU A 48 -17.92 -11.57 3.23
CA LEU A 48 -18.13 -11.32 1.83
C LEU A 48 -19.06 -10.14 1.60
N ASP A 49 -19.84 -9.76 2.61
CA ASP A 49 -20.74 -8.62 2.47
C ASP A 49 -20.15 -7.35 3.07
N GLY A 50 -18.85 -7.38 3.35
CA GLY A 50 -18.08 -6.16 3.62
C GLY A 50 -17.94 -5.73 5.07
N GLU A 51 -18.13 -6.65 6.00
CA GLU A 51 -17.92 -6.33 7.41
C GLU A 51 -16.47 -6.65 7.75
N LEU A 52 -15.67 -5.64 8.01
CA LEU A 52 -14.28 -5.86 8.40
C LEU A 52 -14.22 -6.44 9.81
N LEU A 53 -13.25 -7.33 10.03
CA LEU A 53 -13.10 -8.04 11.31
C LEU A 53 -11.67 -7.94 11.84
N GLY A 54 -11.49 -8.34 13.09
CA GLY A 54 -10.19 -8.34 13.70
C GLY A 54 -9.60 -6.94 13.75
N THR A 55 -8.38 -6.79 13.28
CA THR A 55 -7.70 -5.51 13.25
C THR A 55 -7.68 -4.96 11.83
N THR A 56 -8.53 -5.53 10.96
CA THR A 56 -8.48 -5.17 9.55
C THR A 56 -8.96 -3.75 9.27
N GLN A 57 -8.17 -3.07 8.45
CA GLN A 57 -8.51 -1.72 7.99
C GLN A 57 -8.14 -1.63 6.51
N LEU A 58 -8.48 -0.52 5.88
CA LEU A 58 -8.48 -0.41 4.41
C LEU A 58 -7.19 0.12 3.81
N VAL A 59 -6.43 0.93 4.56
CA VAL A 59 -5.33 1.68 3.98
C VAL A 59 -4.11 0.77 3.85
N PRO A 60 -3.68 0.47 2.61
CA PRO A 60 -2.59 -0.51 2.55
C PRO A 60 -1.28 -0.11 3.27
N SER A 61 -0.89 1.16 3.25
CA SER A 61 0.37 1.52 3.91
C SER A 61 0.24 1.55 5.43
N ASN A 62 -0.96 1.29 5.97
CA ASN A 62 -1.10 1.16 7.43
C ASN A 62 -1.06 -0.30 7.94
N ILE A 63 -0.94 -1.25 7.02
CA ILE A 63 -0.82 -2.65 7.42
C ILE A 63 0.56 -2.88 8.08
N CYS A 64 0.55 -3.36 9.32
CA CYS A 64 1.74 -3.56 10.14
C CYS A 64 2.49 -2.27 10.45
N SER A 65 1.80 -1.14 10.29
CA SER A 65 2.29 0.16 10.74
C SER A 65 1.57 0.60 12.01
N LEU A 66 2.28 1.28 12.89
CA LEU A 66 1.67 1.95 14.04
C LEU A 66 2.25 3.35 14.11
N ARG A 67 1.48 4.29 14.68
CA ARG A 67 1.93 5.66 14.85
C ARG A 67 1.50 6.17 16.21
N GLY A 68 2.12 7.26 16.64
CA GLY A 68 1.84 7.80 17.94
C GLY A 68 2.90 8.80 18.31
N ARG A 69 3.30 8.78 19.57
CA ARG A 69 4.35 9.65 20.07
CA ARG A 69 4.33 9.68 20.09
C ARG A 69 5.26 8.90 21.02
N ILE A 70 6.56 8.99 20.79
CA ILE A 70 7.51 8.35 21.69
C ILE A 70 7.44 9.05 23.04
N ASN A 71 7.38 8.29 24.12
CA ASN A 71 7.26 8.90 25.42
C ASN A 71 8.49 8.69 26.30
N ALA A 72 9.32 7.71 26.00
CA ALA A 72 10.50 7.46 26.86
C ALA A 72 11.55 6.58 26.19
N HIS A 73 12.82 6.85 26.52
CA HIS A 73 13.92 5.93 26.23
C HIS A 73 14.05 4.96 27.41
N LEU A 74 14.04 3.65 27.14
CA LEU A 74 14.07 2.70 28.25
C LEU A 74 15.48 2.54 28.83
N PRO A 75 15.57 2.30 30.16
CA PRO A 75 16.83 2.21 30.90
C PRO A 75 17.44 0.82 30.87
N ASP A 76 17.60 0.28 29.66
CA ASP A 76 18.33 -0.97 29.51
C ASP A 76 19.34 -0.75 28.40
N ASN A 77 20.07 -1.81 28.06
CA ASN A 77 21.15 -1.72 27.10
C ASN A 77 20.74 -2.09 25.69
N GLN A 78 19.43 -2.14 25.45
CA GLN A 78 18.87 -2.67 24.20
C GLN A 78 18.41 -1.58 23.23
N HIS A 79 18.63 -0.33 23.59
CA HIS A 79 18.35 0.82 22.71
C HIS A 79 16.89 0.85 22.27
N ARG A 80 16.01 0.92 23.27
CA ARG A 80 14.58 0.75 23.08
C ARG A 80 13.80 2.01 23.47
N TRP A 81 12.74 2.27 22.74
CA TRP A 81 11.95 3.49 22.95
C TRP A 81 10.47 3.12 23.06
N ASN A 82 9.81 3.55 24.12
CA ASN A 82 8.38 3.31 24.26
C ASN A 82 7.58 4.30 23.44
N MET A 83 6.54 3.84 22.76
CA MET A 83 5.64 4.70 21.99
C MET A 83 4.18 4.53 22.41
N GLN A 84 3.54 5.64 22.75
CA GLN A 84 2.08 5.71 22.92
C GLN A 84 1.43 5.69 21.56
N VAL A 85 0.54 4.74 21.33
CA VAL A 85 -0.15 4.61 20.07
C VAL A 85 -1.29 5.60 19.97
N THR A 86 -1.42 6.21 18.80
CA THR A 86 -2.53 7.13 18.55
C THR A 86 -3.26 6.81 17.26
N ASN A 87 -4.45 7.38 17.18
CA ASN A 87 -5.22 7.51 15.96
C ASN A 87 -4.58 8.57 15.04
N ALA A 88 -5.12 8.73 13.83
CA ALA A 88 -4.50 9.63 12.86
C ALA A 88 -4.57 11.08 13.32
N ASN A 89 -5.61 11.41 14.10
CA ASN A 89 -5.79 12.76 14.61
C ASN A 89 -4.96 13.06 15.88
N GLY A 90 -4.12 12.09 16.27
CA GLY A 90 -3.22 12.30 17.40
C GLY A 90 -3.83 11.96 18.74
N THR A 91 -5.08 11.53 18.76
CA THR A 91 -5.72 11.18 20.02
C THR A 91 -5.25 9.78 20.41
N PRO A 92 -4.97 9.57 21.71
CA PRO A 92 -4.49 8.25 22.12
C PRO A 92 -5.47 7.15 21.75
N PHE A 93 -4.97 5.97 21.43
CA PHE A 93 -5.81 4.81 21.22
C PHE A 93 -6.67 4.56 22.46
N ASP A 94 -7.92 4.17 22.24
CA ASP A 94 -8.88 3.86 23.31
C ASP A 94 -9.00 2.34 23.52
N PRO A 95 -8.42 1.82 24.62
CA PRO A 95 -8.45 0.37 24.79
C PRO A 95 -9.85 -0.22 24.91
N THR A 96 -10.89 0.57 25.18
CA THR A 96 -12.23 -0.01 25.32
C THR A 96 -12.92 -0.27 23.97
N GLU A 97 -12.31 0.18 22.87
CA GLU A 97 -12.81 -0.14 21.53
C GLU A 97 -12.88 -1.65 21.35
N ASP A 98 -13.94 -2.14 20.71
CA ASP A 98 -14.13 -3.60 20.59
C ASP A 98 -13.36 -4.15 19.39
N VAL A 99 -12.05 -4.01 19.51
CA VAL A 99 -11.10 -4.55 18.55
C VAL A 99 -10.02 -5.25 19.35
N PRO A 100 -9.29 -6.19 18.72
CA PRO A 100 -8.20 -6.88 19.46
C PRO A 100 -7.04 -5.95 19.80
N ALA A 101 -6.90 -4.89 19.01
CA ALA A 101 -5.73 -4.04 19.03
C ALA A 101 -5.99 -2.90 18.04
N PRO A 102 -5.17 -1.84 18.06
CA PRO A 102 -5.32 -0.79 17.05
C PRO A 102 -5.35 -1.37 15.62
N LEU A 103 -6.19 -0.82 14.76
CA LEU A 103 -6.33 -1.34 13.42
C LEU A 103 -4.95 -1.30 12.73
N GLY A 104 -4.66 -2.37 12.00
CA GLY A 104 -3.39 -2.49 11.30
C GLY A 104 -2.25 -3.08 12.10
N THR A 105 -2.40 -3.22 13.41
CA THR A 105 -1.40 -3.86 14.26
C THR A 105 -0.96 -5.20 13.64
N PRO A 106 0.35 -5.50 13.67
CA PRO A 106 0.78 -6.83 13.18
C PRO A 106 0.06 -7.98 13.89
N ASP A 107 -0.23 -9.06 13.17
CA ASP A 107 -0.95 -10.19 13.73
C ASP A 107 -0.10 -11.46 13.80
N PHE A 108 1.23 -11.30 13.86
CA PHE A 108 2.11 -12.46 13.98
C PHE A 108 3.32 -12.12 14.83
N LEU A 109 3.87 -13.14 15.46
CA LEU A 109 5.13 -13.01 16.20
C LEU A 109 6.33 -12.90 15.25
N ALA A 110 7.16 -11.89 15.49
CA ALA A 110 8.35 -11.67 14.67
C ALA A 110 9.17 -10.53 15.22
N ASN A 111 10.43 -10.48 14.78
CA ASN A 111 11.22 -9.27 14.80
C ASN A 111 10.99 -8.56 13.47
N ILE A 112 10.11 -7.57 13.45
CA ILE A 112 9.80 -6.87 12.21
C ILE A 112 10.81 -5.75 12.01
N TYR A 113 11.56 -5.86 10.92
CA TYR A 113 12.49 -4.80 10.49
C TYR A 113 11.71 -3.66 9.87
N GLY A 114 12.01 -2.43 10.26
CA GLY A 114 11.42 -1.28 9.62
C GLY A 114 12.15 0.00 10.00
N VAL A 115 11.47 1.12 9.81
CA VAL A 115 12.02 2.44 10.09
C VAL A 115 11.07 3.25 10.93
N THR A 116 11.60 3.79 12.03
CA THR A 116 10.85 4.66 12.90
C THR A 116 11.21 6.09 12.54
N SER A 117 10.21 6.89 12.18
CA SER A 117 10.44 8.28 11.75
C SER A 117 9.63 9.27 12.59
N GLN A 118 10.16 10.49 12.67
CA GLN A 118 9.50 11.61 13.34
C GLN A 118 9.54 12.88 12.50
N ARG A 119 8.51 13.70 12.65
CA ARG A 119 8.50 15.07 12.14
C ARG A 119 7.95 15.98 13.23
N ASN A 120 8.75 16.97 13.63
CA ASN A 120 8.36 17.93 14.65
C ASN A 120 7.53 19.05 14.01
N PRO A 121 6.81 19.83 14.83
CA PRO A 121 6.05 20.98 14.31
C PRO A 121 6.90 21.94 13.48
N ASP A 122 8.19 22.04 13.77
CA ASP A 122 9.07 22.94 13.04
C ASP A 122 9.68 22.29 11.80
N ASN A 123 9.19 21.09 11.48
CA ASN A 123 9.58 20.31 10.29
C ASN A 123 10.99 19.70 10.37
N THR A 124 11.63 19.75 11.54
CA THR A 124 12.86 18.98 11.73
C THR A 124 12.48 17.51 11.93
N CYS A 125 13.21 16.66 11.23
CA CYS A 125 12.90 15.23 11.13
C CYS A 125 14.08 14.34 11.49
N ARG A 126 13.75 13.12 11.89
CA ARG A 126 14.75 12.07 12.01
C ARG A 126 14.10 10.72 11.80
N ALA A 127 14.86 9.77 11.28
CA ALA A 127 14.37 8.40 11.13
C ALA A 127 15.52 7.43 11.33
N HIS A 128 15.25 6.31 12.02
CA HIS A 128 16.25 5.28 12.30
C HIS A 128 15.66 3.90 12.04
N ASP A 129 16.40 3.05 11.34
CA ASP A 129 15.93 1.69 11.08
C ASP A 129 16.09 0.88 12.37
N GLY A 130 15.37 -0.23 12.46
CA GLY A 130 15.34 -1.00 13.68
C GLY A 130 14.21 -2.00 13.70
N ILE A 131 13.76 -2.34 14.91
CA ILE A 131 12.91 -3.51 15.11
C ILE A 131 11.67 -3.21 15.92
N LEU A 132 10.54 -3.75 15.43
CA LEU A 132 9.34 -3.87 16.20
C LEU A 132 9.17 -5.34 16.59
N ALA A 133 9.46 -5.65 17.86
CA ALA A 133 9.42 -7.02 18.35
C ALA A 133 8.04 -7.34 18.87
N THR A 134 7.26 -8.08 18.10
CA THR A 134 5.83 -8.28 18.44
C THR A 134 5.64 -9.39 19.48
N TRP A 135 6.73 -10.07 19.80
CA TRP A 135 6.78 -11.08 20.84
C TRP A 135 7.20 -10.52 22.21
N SER A 136 7.69 -9.29 22.22
CA SER A 136 8.20 -8.65 23.43
C SER A 136 7.15 -8.50 24.52
N PRO A 137 7.54 -8.67 25.80
CA PRO A 137 6.59 -8.33 26.87
C PRO A 137 6.07 -6.90 26.80
N LYS A 138 6.78 -5.98 26.15
CA LYS A 138 6.31 -4.59 26.09
C LYS A 138 5.64 -4.26 24.76
N PHE A 139 5.35 -5.29 23.95
CA PHE A 139 4.41 -5.17 22.85
C PHE A 139 3.00 -5.28 23.41
N THR A 140 2.41 -4.14 23.73
CA THR A 140 1.08 -4.11 24.34
C THR A 140 0.19 -3.11 23.63
N PRO A 141 0.02 -3.28 22.32
CA PRO A 141 -0.71 -2.27 21.54
C PRO A 141 -2.17 -2.08 22.00
N LYS A 142 -2.80 -3.12 22.53
CA LYS A 142 -4.17 -3.00 23.02
C LYS A 142 -4.21 -2.13 24.28
N LEU A 143 -3.10 -2.06 25.02
CA LEU A 143 -2.97 -1.11 26.12
C LEU A 143 -2.47 0.26 25.63
N GLY A 144 -2.32 0.43 24.31
CA GLY A 144 -1.91 1.71 23.75
C GLY A 144 -0.41 1.95 23.72
N SER A 145 0.41 0.91 23.85
CA SER A 145 1.86 1.08 23.98
CA SER A 145 1.85 1.15 23.82
C SER A 145 2.65 -0.02 23.27
N VAL A 146 3.73 0.35 22.58
CA VAL A 146 4.69 -0.62 22.04
C VAL A 146 6.08 -0.08 22.21
N VAL A 147 7.07 -0.95 22.11
CA VAL A 147 8.45 -0.52 22.12
CA VAL A 147 8.45 -0.53 22.12
C VAL A 147 9.10 -0.70 20.75
N LEU A 148 9.91 0.27 20.37
CA LEU A 148 10.61 0.25 19.10
C LEU A 148 12.10 0.28 19.36
N GLY A 149 12.84 -0.54 18.63
CA GLY A 149 14.27 -0.63 18.82
C GLY A 149 15.04 0.05 17.71
N THR A 150 16.25 0.47 18.03
N THR A 150 16.24 0.50 18.04
CA THR A 150 17.19 0.93 17.01
CA THR A 150 17.18 1.02 17.05
C THR A 150 18.59 0.60 17.55
C THR A 150 18.58 0.57 17.49
N TRP A 151 19.60 1.32 17.08
CA TRP A 151 20.97 1.00 17.48
C TRP A 151 21.54 2.07 18.41
N GLU A 152 22.71 1.77 18.96
CA GLU A 152 23.30 2.50 20.09
C GLU A 152 23.36 4.03 19.97
N ASP A 153 23.68 4.52 18.79
CA ASP A 153 24.04 5.93 18.63
C ASP A 153 22.85 6.82 18.28
N ARG A 154 21.64 6.25 18.32
CA ARG A 154 20.48 6.92 17.74
C ARG A 154 19.50 7.48 18.77
N ASP A 155 19.11 8.73 18.59
CA ASP A 155 18.11 9.34 19.48
C ASP A 155 16.84 9.76 18.74
N PHE A 156 15.74 9.68 19.47
CA PHE A 156 14.46 10.22 19.06
C PHE A 156 14.09 11.35 20.00
N ASP A 157 13.20 12.23 19.54
CA ASP A 157 12.68 13.31 20.36
C ASP A 157 11.45 12.86 21.14
N ILE A 158 11.41 13.18 22.44
CA ILE A 158 10.29 12.81 23.29
C ILE A 158 9.05 13.61 22.90
N ASN A 159 7.94 12.89 22.83
CA ASN A 159 6.62 13.44 22.53
C ASN A 159 6.48 14.11 21.18
N GLN A 160 7.22 13.66 20.19
CA GLN A 160 6.99 14.17 18.84
C GLN A 160 6.29 13.11 18.00
N PRO A 161 5.50 13.52 17.00
CA PRO A 161 4.82 12.57 16.12
C PRO A 161 5.79 11.56 15.54
N THR A 162 5.41 10.29 15.66
CA THR A 162 6.27 9.16 15.36
C THR A 162 5.52 8.12 14.54
N ARG A 163 6.19 7.50 13.57
CA ARG A 163 5.59 6.46 12.75
C ARG A 163 6.57 5.31 12.52
N PHE A 164 6.08 4.07 12.59
CA PHE A 164 6.86 2.91 12.21
C PHE A 164 6.41 2.41 10.85
N THR A 165 7.32 2.42 9.89
CA THR A 165 7.12 1.85 8.57
C THR A 165 7.71 0.45 8.56
N PRO A 166 6.87 -0.58 8.37
CA PRO A 166 7.41 -1.95 8.29
C PRO A 166 8.08 -2.23 6.97
N VAL A 167 9.15 -3.03 6.98
CA VAL A 167 9.85 -3.40 5.76
C VAL A 167 9.92 -4.91 5.55
N GLY A 168 10.16 -5.67 6.60
CA GLY A 168 10.25 -7.12 6.48
C GLY A 168 10.61 -7.73 7.81
N LEU A 169 11.29 -8.88 7.76
CA LEU A 169 11.77 -9.55 8.96
C LEU A 169 13.21 -9.14 9.21
N TYR A 170 13.54 -8.86 10.47
CA TYR A 170 14.93 -8.57 10.82
C TYR A 170 15.74 -9.84 10.78
N ASP A 171 15.15 -10.90 11.34
CA ASP A 171 15.75 -12.21 11.38
C ASP A 171 14.60 -13.17 11.57
N THR A 172 14.88 -14.46 11.71
CA THR A 172 13.83 -15.45 11.89
C THR A 172 13.56 -15.79 13.36
N ASP A 173 14.25 -15.15 14.30
CA ASP A 173 14.00 -15.46 15.72
CA ASP A 173 14.01 -15.47 15.71
C ASP A 173 12.57 -15.07 16.09
N HIS A 174 11.85 -15.99 16.72
CA HIS A 174 10.45 -15.82 17.13
C HIS A 174 9.44 -15.76 15.98
N PHE A 175 9.90 -15.90 14.74
CA PHE A 175 8.97 -15.77 13.61
C PHE A 175 8.04 -16.98 13.45
N ASN A 176 6.74 -16.72 13.57
CA ASN A 176 5.71 -17.72 13.32
C ASN A 176 4.48 -16.97 12.83
N GLN A 177 4.17 -17.11 11.54
CA GLN A 177 3.12 -16.28 10.96
C GLN A 177 1.74 -16.61 11.51
N TRP A 178 1.57 -17.78 12.12
CA TRP A 178 0.27 -18.16 12.68
C TRP A 178 0.20 -18.02 14.19
N ALA A 179 1.24 -17.48 14.83
CA ALA A 179 1.17 -17.21 16.27
C ALA A 179 0.77 -15.76 16.50
N LEU A 180 -0.38 -15.56 17.15
CA LEU A 180 -0.84 -14.21 17.44
C LEU A 180 -0.01 -13.58 18.56
N PRO A 181 0.24 -12.27 18.49
CA PRO A 181 0.81 -11.62 19.68
C PRO A 181 -0.13 -11.66 20.85
N ASN A 182 0.40 -11.42 22.04
CA ASN A 182 -0.41 -11.03 23.19
C ASN A 182 -0.61 -9.54 23.10
N TYR A 183 -1.76 -9.13 22.58
CA TYR A 183 -1.98 -7.73 22.32
C TYR A 183 -1.95 -6.87 23.59
N SER A 184 -2.31 -7.45 24.74
CA SER A 184 -2.22 -6.74 26.03
C SER A 184 -1.07 -7.25 26.92
N GLY A 185 -0.15 -7.99 26.32
CA GLY A 185 1.03 -8.46 27.05
C GLY A 185 0.83 -9.76 27.83
N ALA A 186 1.79 -10.03 28.69
CA ALA A 186 1.91 -11.35 29.31
C ALA A 186 0.71 -11.71 30.18
N LEU A 187 0.30 -12.96 30.04
CA LEU A 187 -0.73 -13.60 30.88
C LEU A 187 -2.11 -13.00 30.68
N THR A 188 -2.28 -12.27 29.58
CA THR A 188 -3.57 -11.72 29.22
CA THR A 188 -3.59 -11.72 29.20
C THR A 188 -4.15 -12.44 27.99
N LEU A 189 -5.48 -12.48 27.90
CA LEU A 189 -6.17 -13.07 26.75
C LEU A 189 -6.52 -12.05 25.70
N ASN A 190 -6.33 -12.40 24.44
CA ASN A 190 -6.76 -11.54 23.36
C ASN A 190 -8.28 -11.49 23.30
N MET A 191 -8.83 -10.37 22.84
CA MET A 191 -10.28 -10.18 22.80
C MET A 191 -10.74 -9.72 21.43
N ASN A 192 -12.03 -9.90 21.17
CA ASN A 192 -12.67 -9.41 19.93
C ASN A 192 -12.03 -9.93 18.65
N LEU A 193 -11.51 -11.15 18.70
CA LEU A 193 -10.77 -11.73 17.57
C LEU A 193 -11.70 -12.18 16.47
N ALA A 194 -11.25 -11.99 15.24
CA ALA A 194 -11.82 -12.71 14.11
C ALA A 194 -11.58 -14.20 14.37
N PRO A 195 -12.56 -15.04 14.04
CA PRO A 195 -12.50 -16.46 14.38
C PRO A 195 -11.40 -17.21 13.62
N SER A 196 -10.94 -18.31 14.21
CA SER A 196 -10.05 -19.19 13.48
C SER A 196 -10.79 -19.77 12.28
N VAL A 197 -10.03 -20.18 11.27
CA VAL A 197 -10.62 -20.75 10.06
C VAL A 197 -10.00 -22.11 9.75
N ALA A 198 -10.82 -23.00 9.22
CA ALA A 198 -10.40 -24.35 8.89
C ALA A 198 -11.35 -24.93 7.87
N PRO A 199 -10.84 -25.86 7.05
CA PRO A 199 -11.75 -26.59 6.17
C PRO A 199 -12.67 -27.48 6.97
N LEU A 200 -13.97 -27.39 6.70
CA LEU A 200 -14.94 -28.21 7.40
C LEU A 200 -15.47 -29.35 6.56
N PHE A 201 -15.14 -29.37 5.27
CA PHE A 201 -15.58 -30.43 4.37
C PHE A 201 -14.41 -31.37 4.11
N PRO A 202 -14.66 -32.70 4.08
CA PRO A 202 -13.51 -33.60 3.88
C PRO A 202 -12.78 -33.41 2.55
N GLY A 203 -11.47 -33.57 2.56
CA GLY A 203 -10.67 -33.48 1.35
C GLY A 203 -10.29 -32.07 0.94
N GLU A 204 -10.66 -31.08 1.77
CA GLU A 204 -10.36 -29.68 1.46
C GLU A 204 -9.23 -29.10 2.32
N GLN A 205 -8.55 -28.09 1.78
CA GLN A 205 -7.51 -27.31 2.46
C GLN A 205 -7.78 -25.84 2.22
N LEU A 206 -7.27 -24.99 3.09
CA LEU A 206 -7.28 -23.56 2.84
C LEU A 206 -6.43 -23.25 1.61
N LEU A 207 -6.87 -22.24 0.86
CA LEU A 207 -6.06 -21.63 -0.19
C LEU A 207 -5.65 -20.24 0.26
N PHE A 208 -4.35 -19.96 0.17
CA PHE A 208 -3.80 -18.67 0.60
C PHE A 208 -3.25 -17.85 -0.54
N PHE A 209 -3.25 -16.55 -0.33
CA PHE A 209 -2.55 -15.59 -1.17
C PHE A 209 -1.22 -15.32 -0.44
N ARG A 210 -0.12 -15.79 -1.00
CA ARG A 210 1.17 -15.81 -0.33
C ARG A 210 2.13 -14.72 -0.83
N SER A 211 2.80 -14.07 0.11
CA SER A 211 3.94 -13.19 -0.19
C SER A 211 5.18 -13.73 0.51
N HIS A 212 6.31 -13.58 -0.17
CA HIS A 212 7.61 -13.89 0.39
C HIS A 212 8.27 -12.54 0.75
N ILE A 213 8.16 -12.16 2.02
CA ILE A 213 8.52 -10.80 2.38
C ILE A 213 10.00 -10.69 2.64
N PRO A 214 10.55 -9.47 2.66
CA PRO A 214 11.98 -9.30 2.84
C PRO A 214 12.49 -9.80 4.18
N LEU A 215 13.72 -10.32 4.14
CA LEU A 215 14.42 -10.78 5.33
C LEU A 215 15.85 -10.24 5.32
N LYS A 216 16.20 -9.56 6.40
CA LYS A 216 17.45 -8.83 6.47
C LYS A 216 18.65 -9.73 6.61
N GLY A 217 18.48 -10.82 7.37
CA GLY A 217 19.53 -11.82 7.45
C GLY A 217 18.95 -13.13 7.91
N GLY A 218 19.43 -14.22 7.35
CA GLY A 218 18.95 -15.54 7.70
C GLY A 218 18.51 -16.31 6.49
N THR A 219 17.84 -17.43 6.73
CA THR A 219 17.34 -18.32 5.69
C THR A 219 15.88 -18.63 5.96
N SER A 220 15.01 -18.16 5.08
CA SER A 220 13.57 -18.40 5.19
C SER A 220 12.91 -17.99 3.91
N ASN A 221 11.79 -18.63 3.60
CA ASN A 221 10.99 -18.18 2.47
C ASN A 221 10.15 -16.96 2.81
N GLY A 222 10.18 -16.54 4.07
CA GLY A 222 9.50 -15.31 4.48
C GLY A 222 8.00 -15.33 4.21
N ALA A 223 7.37 -16.49 4.29
CA ALA A 223 5.97 -16.60 3.82
C ALA A 223 4.98 -15.94 4.75
N ILE A 224 4.20 -15.01 4.19
CA ILE A 224 3.03 -14.47 4.86
C ILE A 224 1.81 -14.81 3.99
N ASP A 225 0.94 -15.63 4.56
CA ASP A 225 -0.26 -16.10 3.89
C ASP A 225 -1.49 -15.33 4.33
N CYS A 226 -2.21 -14.69 3.39
CA CYS A 226 -3.47 -14.02 3.76
C CYS A 226 -4.67 -14.76 3.18
N LEU A 227 -5.80 -14.61 3.86
CA LEU A 227 -7.03 -15.30 3.46
C LEU A 227 -7.72 -14.64 2.28
N LEU A 228 -7.55 -13.31 2.19
CA LEU A 228 -8.13 -12.46 1.17
C LEU A 228 -7.07 -11.44 0.81
N PRO A 229 -6.84 -11.17 -0.49
CA PRO A 229 -5.96 -10.04 -0.74
C PRO A 229 -6.58 -8.73 -0.30
N GLN A 230 -5.74 -7.71 -0.12
CA GLN A 230 -6.26 -6.45 0.39
C GLN A 230 -7.33 -5.88 -0.54
N GLU A 231 -7.17 -6.08 -1.84
CA GLU A 231 -8.13 -5.52 -2.81
C GLU A 231 -9.50 -6.18 -2.69
N TRP A 232 -9.56 -7.44 -2.26
CA TRP A 232 -10.87 -8.08 -2.07
C TRP A 232 -11.55 -7.50 -0.83
N VAL A 233 -10.78 -7.31 0.24
CA VAL A 233 -11.28 -6.64 1.44
C VAL A 233 -11.86 -5.27 1.03
N GLN A 234 -11.10 -4.51 0.25
CA GLN A 234 -11.54 -3.18 -0.15
C GLN A 234 -12.79 -3.24 -1.02
N HIS A 235 -12.84 -4.22 -1.92
CA HIS A 235 -13.97 -4.41 -2.81
C HIS A 235 -15.25 -4.73 -2.05
N PHE A 236 -15.18 -5.72 -1.15
CA PHE A 236 -16.36 -6.14 -0.39
C PHE A 236 -16.87 -4.98 0.48
N TYR A 237 -15.92 -4.25 1.07
CA TYR A 237 -16.31 -3.10 1.88
C TYR A 237 -17.16 -2.10 1.07
N GLN A 238 -16.73 -1.80 -0.16
CA GLN A 238 -17.47 -0.87 -1.02
C GLN A 238 -18.80 -1.42 -1.47
N GLU A 239 -18.78 -2.69 -1.91
CA GLU A 239 -19.95 -3.28 -2.54
C GLU A 239 -21.06 -3.65 -1.55
N SER A 240 -20.69 -4.25 -0.42
CA SER A 240 -21.68 -4.72 0.56
C SER A 240 -22.78 -5.56 -0.09
N ALA A 241 -22.41 -6.48 -0.96
CA ALA A 241 -23.41 -7.31 -1.62
C ALA A 241 -23.85 -8.42 -0.66
N PRO A 242 -25.18 -8.65 -0.57
CA PRO A 242 -25.70 -9.72 0.30
C PRO A 242 -25.14 -11.08 -0.08
N SER A 243 -24.77 -11.88 0.92
CA SER A 243 -24.34 -13.26 0.70
C SER A 243 -25.57 -14.15 0.69
N SER A 244 -25.88 -14.76 -0.45
CA SER A 244 -27.13 -15.53 -0.57
C SER A 244 -27.06 -16.87 0.12
N THR A 245 -25.88 -17.49 0.12
CA THR A 245 -25.64 -18.69 0.93
C THR A 245 -24.34 -18.52 1.69
N ASP A 246 -23.86 -19.59 2.32
CA ASP A 246 -22.62 -19.56 3.09
C ASP A 246 -21.38 -19.74 2.23
N VAL A 247 -21.57 -20.07 0.96
CA VAL A 247 -20.44 -20.41 0.09
C VAL A 247 -20.66 -19.94 -1.34
N ALA A 248 -19.69 -19.19 -1.84
CA ALA A 248 -19.65 -18.78 -3.24
C ALA A 248 -18.70 -19.68 -4.00
N LEU A 249 -19.16 -20.25 -5.11
CA LEU A 249 -18.33 -21.05 -5.98
C LEU A 249 -17.59 -20.08 -6.89
N ILE A 250 -16.26 -20.18 -6.92
CA ILE A 250 -15.42 -19.30 -7.75
C ILE A 250 -14.47 -20.13 -8.60
N ARG A 251 -14.16 -19.63 -9.79
CA ARG A 251 -13.34 -20.37 -10.74
C ARG A 251 -12.24 -19.49 -11.30
N TYR A 252 -11.02 -20.00 -11.31
CA TYR A 252 -9.87 -19.22 -11.77
C TYR A 252 -9.82 -19.32 -13.28
N THR A 253 -10.05 -18.20 -13.96
CA THR A 253 -10.38 -18.19 -15.38
C THR A 253 -9.51 -17.24 -16.21
N ASN A 254 -9.13 -17.68 -17.40
CA ASN A 254 -8.46 -16.83 -18.37
C ASN A 254 -9.51 -16.09 -19.20
N PRO A 255 -9.59 -14.74 -19.07
CA PRO A 255 -10.68 -14.01 -19.71
C PRO A 255 -10.60 -13.99 -21.23
N ASP A 256 -9.41 -14.20 -21.78
CA ASP A 256 -9.24 -14.14 -23.23
C ASP A 256 -9.73 -15.42 -23.93
N THR A 257 -9.44 -16.57 -23.35
CA THR A 257 -9.82 -17.84 -23.95
C THR A 257 -11.00 -18.52 -23.28
N GLY A 258 -11.30 -18.12 -22.05
CA GLY A 258 -12.32 -18.78 -21.26
C GLY A 258 -11.81 -20.04 -20.58
N ARG A 259 -10.55 -20.40 -20.79
CA ARG A 259 -10.01 -21.59 -20.12
C ARG A 259 -10.07 -21.45 -18.59
N VAL A 260 -10.63 -22.45 -17.93
CA VAL A 260 -10.76 -22.45 -16.47
C VAL A 260 -9.71 -23.40 -15.89
N LEU A 261 -8.91 -22.94 -14.93
CA LEU A 261 -7.86 -23.77 -14.35
C LEU A 261 -8.40 -24.63 -13.21
N PHE A 262 -9.04 -24.02 -12.22
CA PHE A 262 -9.58 -24.79 -11.11
C PHE A 262 -10.72 -24.03 -10.44
N GLU A 263 -11.41 -24.70 -9.53
CA GLU A 263 -12.50 -24.08 -8.81
C GLU A 263 -12.27 -24.20 -7.30
N ALA A 264 -12.91 -23.30 -6.58
CA ALA A 264 -12.71 -23.15 -5.14
C ALA A 264 -14.01 -22.68 -4.46
N LYS A 265 -14.05 -22.82 -3.14
CA LYS A 265 -15.15 -22.35 -2.32
C LYS A 265 -14.71 -21.10 -1.59
N LEU A 266 -15.46 -20.01 -1.78
CA LEU A 266 -15.22 -18.77 -1.05
C LEU A 266 -16.29 -18.63 0.02
N HIS A 267 -15.87 -18.76 1.27
CA HIS A 267 -16.79 -18.84 2.41
C HIS A 267 -17.23 -17.46 2.88
N ARG A 268 -18.48 -17.39 3.36
CA ARG A 268 -19.09 -16.16 3.83
C ARG A 268 -18.20 -15.40 4.82
N GLN A 269 -17.49 -16.13 5.67
CA GLN A 269 -16.65 -15.49 6.69
C GLN A 269 -15.31 -14.96 6.14
N GLY A 270 -15.05 -15.21 4.86
CA GLY A 270 -13.93 -14.58 4.18
C GLY A 270 -12.66 -15.39 4.11
N PHE A 271 -12.77 -16.58 3.54
CA PHE A 271 -11.60 -17.43 3.27
C PHE A 271 -11.96 -18.45 2.19
N ILE A 272 -10.93 -19.03 1.59
CA ILE A 272 -11.08 -19.96 0.48
C ILE A 272 -10.61 -21.36 0.82
N THR A 273 -11.38 -22.35 0.37
CA THR A 273 -10.94 -23.75 0.41
C THR A 273 -10.94 -24.36 -0.98
N VAL A 274 -10.07 -25.36 -1.14
CA VAL A 274 -9.94 -26.10 -2.39
C VAL A 274 -9.84 -27.59 -2.06
N ALA A 275 -10.24 -28.42 -3.00
CA ALA A 275 -10.02 -29.87 -2.90
C ALA A 275 -8.59 -30.18 -3.30
N ASN A 276 -7.76 -30.37 -2.30
CA ASN A 276 -6.33 -30.57 -2.53
C ASN A 276 -5.71 -31.20 -1.31
N SER A 277 -4.54 -31.81 -1.50
CA SER A 277 -3.77 -32.45 -0.43
C SER A 277 -2.33 -31.96 -0.50
N GLY A 278 -1.73 -31.73 0.66
CA GLY A 278 -0.31 -31.44 0.69
C GLY A 278 -0.02 -29.98 0.53
N SER A 279 1.24 -29.64 0.72
CA SER A 279 1.69 -28.26 0.69
C SER A 279 2.38 -27.98 -0.62
N ARG A 280 1.76 -27.15 -1.44
CA ARG A 280 2.33 -26.84 -2.74
C ARG A 280 1.91 -25.45 -3.18
N PRO A 281 2.79 -24.79 -3.95
CA PRO A 281 2.40 -23.57 -4.63
C PRO A 281 1.50 -23.99 -5.77
N ILE A 282 0.62 -23.09 -6.15
CA ILE A 282 -0.23 -23.28 -7.28
C ILE A 282 0.33 -22.31 -8.32
N VAL A 283 0.41 -22.74 -9.58
CA VAL A 283 0.79 -21.84 -10.66
C VAL A 283 -0.45 -21.53 -11.44
N VAL A 284 -0.66 -20.24 -11.69
CA VAL A 284 -1.85 -19.80 -12.41
C VAL A 284 -1.43 -19.04 -13.66
N PRO A 285 -2.33 -18.95 -14.65
CA PRO A 285 -2.05 -18.11 -15.83
C PRO A 285 -1.87 -16.64 -15.43
N PRO A 286 -0.82 -15.96 -15.93
CA PRO A 286 -0.62 -14.56 -15.56
C PRO A 286 -1.83 -13.65 -15.82
N ASN A 287 -2.63 -13.92 -16.84
CA ASN A 287 -3.74 -13.03 -17.15
C ASN A 287 -5.08 -13.46 -16.52
N GLY A 288 -5.06 -14.53 -15.71
CA GLY A 288 -6.30 -15.07 -15.18
C GLY A 288 -6.71 -14.42 -13.86
N TYR A 289 -7.94 -14.68 -13.45
CA TYR A 289 -8.40 -14.27 -12.14
C TYR A 289 -9.63 -15.06 -11.73
N PHE A 290 -9.94 -15.08 -10.44
CA PHE A 290 -11.15 -15.73 -9.97
C PHE A 290 -12.40 -15.00 -10.45
N ARG A 291 -13.36 -15.77 -10.92
CA ARG A 291 -14.70 -15.26 -11.24
CA ARG A 291 -14.69 -15.25 -11.24
C ARG A 291 -15.75 -15.94 -10.37
N PHE A 292 -16.70 -15.17 -9.88
CA PHE A 292 -17.84 -15.73 -9.16
C PHE A 292 -18.74 -16.52 -10.11
N ASP A 293 -19.12 -17.73 -9.71
CA ASP A 293 -20.03 -18.55 -10.53
C ASP A 293 -21.44 -18.53 -9.97
N SER A 294 -21.57 -18.98 -8.73
CA SER A 294 -22.87 -19.12 -8.11
C SER A 294 -22.74 -19.32 -6.60
N TRP A 295 -23.86 -19.12 -5.91
CA TRP A 295 -23.98 -19.45 -4.49
C TRP A 295 -24.36 -20.92 -4.33
N VAL A 296 -23.56 -21.67 -3.58
CA VAL A 296 -23.80 -23.08 -3.38
C VAL A 296 -23.92 -23.41 -1.89
N ASN A 297 -24.10 -24.68 -1.56
CA ASN A 297 -24.25 -25.10 -0.15
C ASN A 297 -22.92 -25.65 0.38
N GLN A 298 -22.82 -25.73 1.71
CA GLN A 298 -21.56 -26.08 2.37
C GLN A 298 -21.03 -27.45 1.97
N PHE A 299 -21.94 -28.36 1.59
CA PHE A 299 -21.56 -29.74 1.22
C PHE A 299 -21.25 -29.89 -0.28
N TYR A 300 -21.00 -28.77 -0.96
CA TYR A 300 -20.67 -28.81 -2.39
C TYR A 300 -19.33 -29.51 -2.58
N SER A 301 -19.27 -30.44 -3.53
CA SER A 301 -18.06 -31.21 -3.76
C SER A 301 -17.24 -30.60 -4.89
N LEU A 302 -16.09 -30.01 -4.57
CA LEU A 302 -15.26 -29.37 -5.58
C LEU A 302 -14.54 -30.38 -6.45
N ALA A 303 -14.29 -30.01 -7.70
CA ALA A 303 -13.42 -30.84 -8.54
C ALA A 303 -12.01 -30.78 -7.93
N PRO A 304 -11.38 -31.95 -7.73
CA PRO A 304 -10.02 -31.96 -7.18
C PRO A 304 -9.03 -31.26 -8.09
N MET A 305 -8.14 -30.48 -7.51
CA MET A 305 -7.02 -29.90 -8.25
C MET A 305 -6.00 -30.97 -8.62
N GLY B 3 -28.32 0.74 -21.01
CA GLY B 3 -27.95 1.98 -20.34
C GLY B 3 -26.51 2.01 -19.86
N SER B 4 -25.96 3.21 -19.77
CA SER B 4 -24.58 3.41 -19.38
C SER B 4 -24.43 3.21 -17.89
N LYS B 5 -23.30 2.67 -17.48
CA LYS B 5 -22.98 2.55 -16.07
C LYS B 5 -22.74 3.95 -15.47
N PRO B 6 -23.47 4.28 -14.41
CA PRO B 6 -23.23 5.58 -13.78
C PRO B 6 -21.83 5.72 -13.20
N PHE B 7 -21.26 6.92 -13.35
CA PHE B 7 -19.99 7.23 -12.72
C PHE B 7 -20.17 7.41 -11.21
N THR B 8 -19.20 6.92 -10.44
CA THR B 8 -19.25 7.00 -8.99
C THR B 8 -17.85 7.17 -8.44
N LEU B 9 -17.80 7.74 -7.24
CA LEU B 9 -16.59 7.77 -6.43
C LEU B 9 -16.72 6.76 -5.29
N PRO B 10 -15.58 6.20 -4.83
CA PRO B 10 -15.68 5.27 -3.71
C PRO B 10 -16.03 5.95 -2.40
N ILE B 11 -16.65 5.18 -1.52
CA ILE B 11 -17.09 5.67 -0.23
C ILE B 11 -15.91 5.53 0.74
N LEU B 12 -15.12 6.60 0.82
CA LEU B 12 -13.88 6.57 1.60
C LEU B 12 -13.60 7.95 2.16
N THR B 13 -13.56 8.03 3.48
CA THR B 13 -13.16 9.27 4.15
C THR B 13 -11.67 9.57 3.99
N ILE B 14 -11.23 10.74 4.42
CA ILE B 14 -9.85 11.11 4.17
C ILE B 14 -8.89 10.19 4.94
N GLY B 15 -9.31 9.69 6.09
CA GLY B 15 -8.49 8.74 6.84
C GLY B 15 -8.55 7.33 6.31
N GLU B 16 -9.29 7.13 5.22
CA GLU B 16 -9.34 5.85 4.50
C GLU B 16 -8.69 5.93 3.12
N LEU B 17 -7.98 7.01 2.85
CA LEU B 17 -7.31 7.21 1.55
C LEU B 17 -5.78 7.10 1.59
N SER B 18 -5.22 6.69 0.44
CA SER B 18 -3.79 6.48 0.25
C SER B 18 -3.22 7.36 -0.82
N ASN B 19 -1.97 7.76 -0.63
CA ASN B 19 -1.26 8.49 -1.69
C ASN B 19 -0.95 7.53 -2.83
N SER B 20 -1.03 8.03 -4.05
CA SER B 20 -0.76 7.24 -5.25
C SER B 20 0.64 7.48 -5.80
N ARG B 21 1.37 8.41 -5.17
CA ARG B 21 2.74 8.76 -5.62
C ARG B 21 3.82 8.31 -4.64
N PHE B 22 3.41 7.92 -3.44
CA PHE B 22 4.35 7.40 -2.45
C PHE B 22 3.54 6.54 -1.49
N PRO B 23 4.13 5.45 -0.97
CA PRO B 23 3.34 4.63 -0.04
C PRO B 23 3.12 5.33 1.31
N ALA B 24 1.94 5.92 1.47
CA ALA B 24 1.64 6.74 2.62
C ALA B 24 0.15 7.00 2.70
N PRO B 25 -0.39 7.12 3.91
CA PRO B 25 -1.77 7.60 4.01
C PRO B 25 -1.86 9.07 3.62
N ILE B 26 -3.04 9.46 3.15
CA ILE B 26 -3.31 10.88 2.91
C ILE B 26 -3.47 11.58 4.24
N ASP B 27 -2.76 12.69 4.41
CA ASP B 27 -2.84 13.47 5.64
C ASP B 27 -3.82 14.65 5.57
N GLU B 28 -3.95 15.28 4.41
CA GLU B 28 -4.83 16.42 4.25
C GLU B 28 -5.04 16.71 2.78
N LEU B 29 -6.08 17.49 2.50
CA LEU B 29 -6.23 18.11 1.20
C LEU B 29 -5.44 19.40 1.19
N TYR B 30 -4.97 19.80 0.02
CA TYR B 30 -4.11 20.97 -0.11
C TYR B 30 -4.34 21.65 -1.43
N THR B 31 -4.30 22.98 -1.42
CA THR B 31 -4.37 23.70 -2.67
C THR B 31 -3.32 24.77 -2.72
N SER B 32 -2.92 25.07 -3.94
CA SER B 32 -1.78 25.89 -4.20
C SER B 32 -1.85 26.37 -5.64
N PRO B 33 -1.44 27.60 -5.90
CA PRO B 33 -1.32 28.03 -7.30
C PRO B 33 -0.15 27.36 -8.05
N ASN B 34 0.88 26.90 -7.33
CA ASN B 34 2.10 26.36 -7.93
C ASN B 34 2.59 27.22 -9.10
N GLU B 35 2.80 28.50 -8.80
CA GLU B 35 3.16 29.48 -9.79
C GLU B 35 4.48 29.14 -10.47
N GLY B 36 4.45 28.99 -11.79
CA GLY B 36 5.66 28.85 -12.59
C GLY B 36 6.15 27.42 -12.76
N LEU B 37 5.47 26.47 -12.13
CA LEU B 37 5.87 25.07 -12.22
C LEU B 37 4.99 24.28 -13.18
N VAL B 38 5.58 23.29 -13.83
CA VAL B 38 4.80 22.35 -14.62
C VAL B 38 4.47 21.17 -13.73
N VAL B 39 3.18 20.94 -13.52
CA VAL B 39 2.71 19.85 -12.67
C VAL B 39 2.37 18.66 -13.56
N GLN B 40 3.21 17.63 -13.51
CA GLN B 40 3.12 16.51 -14.45
C GLN B 40 3.50 15.18 -13.83
N PRO B 41 2.89 14.86 -12.68
CA PRO B 41 3.23 13.57 -12.08
C PRO B 41 2.84 12.39 -12.98
N GLN B 42 3.53 11.27 -12.80
CA GLN B 42 3.31 10.09 -13.64
C GLN B 42 2.70 8.91 -12.91
N ASN B 43 2.77 8.93 -11.57
CA ASN B 43 2.01 7.98 -10.75
C ASN B 43 0.73 8.65 -10.27
N GLY B 44 -0.29 7.86 -10.00
CA GLY B 44 -1.59 8.38 -9.62
C GLY B 44 -2.31 9.05 -10.76
N ARG B 45 -2.12 8.53 -11.98
CA ARG B 45 -2.75 9.09 -13.16
C ARG B 45 -3.72 8.10 -13.79
N SER B 46 -4.97 8.53 -13.93
CA SER B 46 -6.02 7.75 -14.57
C SER B 46 -7.07 8.67 -15.10
N THR B 47 -7.66 8.33 -16.22
CA THR B 47 -8.86 8.97 -16.62
C THR B 47 -10.03 8.52 -15.75
N LEU B 48 -11.12 9.27 -15.76
CA LEU B 48 -12.28 8.92 -14.99
C LEU B 48 -12.93 7.62 -15.43
N ASP B 49 -12.71 7.25 -16.70
CA ASP B 49 -13.23 5.99 -17.20
C ASP B 49 -12.27 4.82 -17.07
N GLY B 50 -11.18 5.05 -16.36
CA GLY B 50 -10.32 3.98 -15.93
C GLY B 50 -9.11 3.61 -16.77
N GLU B 51 -8.66 4.51 -17.61
CA GLU B 51 -7.46 4.33 -18.37
C GLU B 51 -6.30 4.85 -17.57
N LEU B 52 -5.46 3.93 -17.11
CA LEU B 52 -4.26 4.29 -16.39
C LEU B 52 -3.27 4.95 -17.33
N LEU B 53 -2.56 5.96 -16.81
CA LEU B 53 -1.63 6.76 -17.60
C LEU B 53 -0.25 6.83 -16.94
N GLY B 54 0.73 7.31 -17.69
CA GLY B 54 2.06 7.46 -17.16
C GLY B 54 2.64 6.13 -16.72
N THR B 55 3.20 6.11 -15.50
CA THR B 55 3.77 4.90 -14.91
C THR B 55 2.80 4.29 -13.90
N THR B 56 1.54 4.69 -13.95
CA THR B 56 0.59 4.30 -12.91
C THR B 56 0.23 2.81 -13.01
N GLN B 57 0.24 2.17 -11.85
CA GLN B 57 -0.18 0.78 -11.72
C GLN B 57 -0.98 0.66 -10.43
N LEU B 58 -1.58 -0.51 -10.21
CA LEU B 58 -2.60 -0.68 -9.18
C LEU B 58 -2.12 -1.09 -7.79
N VAL B 59 -0.97 -1.76 -7.72
CA VAL B 59 -0.53 -2.40 -6.47
C VAL B 59 0.11 -1.36 -5.54
N PRO B 60 -0.50 -1.10 -4.37
CA PRO B 60 0.07 0.02 -3.59
C PRO B 60 1.50 -0.20 -3.13
N SER B 61 1.91 -1.42 -2.83
CA SER B 61 3.26 -1.64 -2.31
C SER B 61 4.31 -1.59 -3.45
N ASN B 62 3.84 -1.44 -4.69
CA ASN B 62 4.78 -1.23 -5.81
C ASN B 62 4.98 0.24 -6.21
N ILE B 63 4.30 1.15 -5.53
CA ILE B 63 4.48 2.58 -5.76
C ILE B 63 5.86 3.01 -5.25
N CYS B 64 6.69 3.54 -6.15
CA CYS B 64 8.10 3.89 -5.88
C CYS B 64 8.98 2.71 -5.50
N SER B 65 8.55 1.49 -5.84
CA SER B 65 9.38 0.31 -5.70
C SER B 65 9.95 -0.04 -7.07
N LEU B 66 11.12 -0.68 -7.07
CA LEU B 66 11.62 -1.32 -8.28
C LEU B 66 12.13 -2.68 -7.89
N ARG B 67 12.06 -3.62 -8.83
CA ARG B 67 12.56 -4.96 -8.58
C ARG B 67 13.33 -5.44 -9.79
N GLY B 68 14.17 -6.43 -9.55
CA GLY B 68 15.03 -6.91 -10.59
C GLY B 68 16.10 -7.81 -10.04
N ARG B 69 17.30 -7.68 -10.59
CA ARG B 69 18.44 -8.49 -10.19
C ARG B 69 19.66 -7.58 -10.20
N ILE B 70 20.34 -7.46 -9.08
CA ILE B 70 21.62 -6.76 -9.06
C ILE B 70 22.58 -7.46 -10.01
N ASN B 71 23.29 -6.69 -10.84
CA ASN B 71 24.21 -7.27 -11.82
C ASN B 71 25.60 -6.69 -11.82
N ALA B 72 25.89 -5.75 -10.93
CA ALA B 72 27.24 -5.21 -10.81
C ALA B 72 27.47 -4.44 -9.50
N HIS B 73 28.68 -4.56 -8.96
CA HIS B 73 29.18 -3.72 -7.93
C HIS B 73 30.10 -2.66 -8.49
N LEU B 74 29.74 -1.40 -8.36
CA LEU B 74 30.44 -0.39 -9.13
C LEU B 74 31.76 0.08 -8.49
N PRO B 75 32.75 0.39 -9.35
CA PRO B 75 34.15 0.63 -9.00
C PRO B 75 34.46 2.02 -8.44
N ASP B 76 33.73 2.45 -7.42
CA ASP B 76 34.08 3.67 -6.71
C ASP B 76 33.96 3.42 -5.20
N ASN B 77 34.15 4.46 -4.40
CA ASN B 77 34.07 4.33 -2.95
C ASN B 77 32.66 4.61 -2.42
N GLN B 78 31.67 4.63 -3.31
CA GLN B 78 30.34 5.11 -2.99
C GLN B 78 29.35 4.00 -2.63
N HIS B 79 29.82 2.75 -2.65
CA HIS B 79 29.02 1.60 -2.23
C HIS B 79 27.69 1.53 -3.03
N ARG B 80 27.83 1.46 -4.36
CA ARG B 80 26.69 1.50 -5.27
C ARG B 80 26.60 0.23 -6.13
N TRP B 81 25.37 -0.22 -6.35
CA TRP B 81 25.09 -1.51 -6.99
C TRP B 81 24.15 -1.32 -8.16
N ASN B 82 24.51 -1.82 -9.32
CA ASN B 82 23.65 -1.68 -10.48
C ASN B 82 22.60 -2.78 -10.46
N MET B 83 21.35 -2.42 -10.76
CA MET B 83 20.25 -3.37 -10.81
C MET B 83 19.55 -3.34 -12.15
N GLN B 84 19.47 -4.50 -12.77
CA GLN B 84 18.64 -4.72 -13.96
C GLN B 84 17.20 -4.84 -13.53
N VAL B 85 16.32 -4.00 -14.06
CA VAL B 85 14.90 -4.05 -13.72
C VAL B 85 14.20 -5.19 -14.44
N THR B 86 13.35 -5.89 -13.73
CA THR B 86 12.59 -6.99 -14.32
C THR B 86 11.11 -6.92 -14.00
N ASN B 87 10.36 -7.67 -14.78
CA ASN B 87 8.96 -7.93 -14.50
C ASN B 87 8.85 -9.03 -13.43
N ALA B 88 7.66 -9.22 -12.88
CA ALA B 88 7.52 -10.09 -11.72
C ALA B 88 7.98 -11.51 -12.04
N ASN B 89 7.86 -11.91 -13.31
CA ASN B 89 8.27 -13.25 -13.72
C ASN B 89 9.78 -13.36 -14.02
N GLY B 90 10.52 -12.25 -13.89
CA GLY B 90 11.96 -12.26 -14.01
C GLY B 90 12.49 -11.87 -15.38
N THR B 91 11.61 -11.66 -16.35
CA THR B 91 12.04 -11.21 -17.66
C THR B 91 12.45 -9.75 -17.57
N PRO B 92 13.49 -9.36 -18.34
CA PRO B 92 13.93 -7.96 -18.25
C PRO B 92 12.88 -6.98 -18.75
N PHE B 93 12.84 -5.80 -18.15
CA PHE B 93 11.97 -4.74 -18.67
C PHE B 93 12.30 -4.51 -20.14
N ASP B 94 11.26 -4.31 -20.96
CA ASP B 94 11.40 -4.02 -22.38
C ASP B 94 11.31 -2.52 -22.63
N PRO B 95 12.43 -1.86 -22.95
CA PRO B 95 12.37 -0.40 -23.16
C PRO B 95 11.42 0.02 -24.29
N THR B 96 11.03 -0.88 -25.18
CA THR B 96 10.12 -0.47 -26.26
C THR B 96 8.65 -0.39 -25.83
N GLU B 97 8.35 -0.80 -24.60
CA GLU B 97 6.99 -0.65 -24.05
C GLU B 97 6.62 0.83 -24.05
N ASP B 98 5.37 1.16 -24.40
CA ASP B 98 4.97 2.56 -24.50
C ASP B 98 4.53 3.11 -23.15
N VAL B 99 5.49 3.09 -22.25
CA VAL B 99 5.39 3.73 -20.96
C VAL B 99 6.63 4.61 -20.77
N PRO B 100 6.59 5.57 -19.84
CA PRO B 100 7.78 6.40 -19.57
C PRO B 100 8.91 5.62 -18.91
N ALA B 101 8.54 4.57 -18.19
CA ALA B 101 9.45 3.83 -17.34
C ALA B 101 8.67 2.65 -16.79
N PRO B 102 9.35 1.70 -16.13
CA PRO B 102 8.60 0.59 -15.52
C PRO B 102 7.49 1.12 -14.62
N LEU B 103 6.35 0.45 -14.60
CA LEU B 103 5.25 0.97 -13.81
C LEU B 103 5.66 1.00 -12.33
N GLY B 104 5.30 2.09 -11.67
CA GLY B 104 5.58 2.33 -10.27
C GLY B 104 6.89 3.06 -10.01
N THR B 105 7.72 3.20 -11.05
CA THR B 105 8.94 3.99 -10.94
C THR B 105 8.68 5.35 -10.26
N PRO B 106 9.58 5.78 -9.34
CA PRO B 106 9.36 7.13 -8.78
C PRO B 106 9.24 8.21 -9.85
N ASP B 107 8.39 9.20 -9.61
CA ASP B 107 8.19 10.30 -10.56
C ASP B 107 8.67 11.65 -10.05
N PHE B 108 9.63 11.65 -9.13
CA PHE B 108 10.18 12.91 -8.64
C PHE B 108 11.66 12.76 -8.33
N LEU B 109 12.36 13.88 -8.36
CA LEU B 109 13.76 13.93 -7.98
C LEU B 109 13.90 13.90 -6.47
N ALA B 110 14.78 13.02 -5.99
CA ALA B 110 15.06 12.90 -4.56
C ALA B 110 16.16 11.88 -4.32
N ASN B 111 16.73 11.97 -3.13
CA ASN B 111 17.40 10.83 -2.49
C ASN B 111 16.35 10.07 -1.70
N ILE B 112 15.85 8.97 -2.25
CA ILE B 112 14.82 8.17 -1.59
C ILE B 112 15.49 7.14 -0.70
N TYR B 113 15.21 7.25 0.60
CA TYR B 113 15.66 6.29 1.60
C TYR B 113 14.80 5.05 1.53
N GLY B 114 15.42 3.87 1.52
CA GLY B 114 14.68 2.63 1.49
C GLY B 114 15.54 1.46 1.87
N VAL B 115 15.05 0.27 1.57
CA VAL B 115 15.76 -0.96 1.84
C VAL B 115 15.76 -1.83 0.61
N THR B 116 16.96 -2.30 0.27
CA THR B 116 17.16 -3.22 -0.84
C THR B 116 17.31 -4.60 -0.26
N SER B 117 16.45 -5.52 -0.70
CA SER B 117 16.46 -6.89 -0.20
C SER B 117 16.64 -7.91 -1.31
N GLN B 118 17.17 -9.06 -0.93
CA GLN B 118 17.33 -10.21 -1.80
C GLN B 118 16.89 -11.50 -1.13
N ARG B 119 16.39 -12.43 -1.93
CA ARG B 119 16.13 -13.80 -1.52
C ARG B 119 16.57 -14.70 -2.66
N ASN B 120 17.54 -15.58 -2.40
CA ASN B 120 18.03 -16.51 -3.39
C ASN B 120 17.10 -17.71 -3.47
N PRO B 121 17.18 -18.49 -4.57
CA PRO B 121 16.36 -19.69 -4.70
C PRO B 121 16.50 -20.64 -3.50
N ASP B 122 17.63 -20.61 -2.81
CA ASP B 122 17.83 -21.48 -1.65
C ASP B 122 17.38 -20.84 -0.35
N ASN B 123 16.64 -19.73 -0.48
CA ASN B 123 16.01 -18.96 0.62
C ASN B 123 17.00 -18.25 1.53
N THR B 124 18.27 -18.17 1.13
CA THR B 124 19.21 -17.30 1.86
C THR B 124 18.92 -15.85 1.47
N CYS B 125 18.87 -14.99 2.47
CA CYS B 125 18.44 -13.58 2.29
C CYS B 125 19.43 -12.57 2.83
N ARG B 126 19.30 -11.33 2.34
CA ARG B 126 20.01 -10.20 2.88
C ARG B 126 19.26 -8.93 2.52
N ALA B 127 19.33 -7.93 3.39
CA ALA B 127 18.73 -6.62 3.09
C ALA B 127 19.56 -5.54 3.75
N HIS B 128 19.70 -4.40 3.06
CA HIS B 128 20.47 -3.28 3.56
C HIS B 128 19.78 -1.98 3.22
N ASP B 129 19.70 -1.07 4.18
CA ASP B 129 19.09 0.22 3.92
C ASP B 129 20.06 1.08 3.10
N GLY B 130 19.51 2.11 2.47
CA GLY B 130 20.31 2.95 1.62
C GLY B 130 19.46 3.86 0.77
N ILE B 131 19.99 4.23 -0.39
CA ILE B 131 19.43 5.30 -1.21
C ILE B 131 19.18 4.90 -2.65
N LEU B 132 18.00 5.30 -3.15
CA LEU B 132 17.73 5.34 -4.57
C LEU B 132 17.73 6.81 -4.98
N ALA B 133 18.78 7.20 -5.69
CA ALA B 133 18.95 8.58 -6.11
C ALA B 133 18.37 8.76 -7.52
N THR B 134 17.16 9.33 -7.60
CA THR B 134 16.45 9.39 -8.86
C THR B 134 16.95 10.52 -9.76
N TRP B 135 17.86 11.35 -9.24
CA TRP B 135 18.50 12.42 -9.99
C TRP B 135 19.84 12.01 -10.59
N SER B 136 20.33 10.83 -10.19
CA SER B 136 21.63 10.33 -10.62
C SER B 136 21.70 10.04 -12.12
N PRO B 137 22.87 10.28 -12.76
CA PRO B 137 23.06 9.89 -14.15
C PRO B 137 22.83 8.40 -14.38
N LYS B 138 22.94 7.60 -13.32
CA LYS B 138 22.76 6.16 -13.44
C LYS B 138 21.33 5.68 -13.13
N PHE B 139 20.42 6.62 -12.88
CA PHE B 139 18.99 6.32 -12.75
C PHE B 139 18.43 6.30 -14.15
N THR B 140 18.41 5.13 -14.77
CA THR B 140 17.93 5.00 -16.13
C THR B 140 16.90 3.86 -16.23
N PRO B 141 15.82 3.94 -15.43
CA PRO B 141 14.86 2.82 -15.38
C PRO B 141 14.22 2.49 -16.75
N LYS B 142 14.02 3.49 -17.63
CA LYS B 142 13.45 3.24 -18.94
C LYS B 142 14.42 2.40 -19.80
N LEU B 143 15.72 2.50 -19.51
CA LEU B 143 16.73 1.68 -20.18
C LEU B 143 16.92 0.36 -19.43
N GLY B 144 16.15 0.18 -18.35
CA GLY B 144 16.14 -1.08 -17.61
C GLY B 144 17.17 -1.22 -16.50
N SER B 145 17.74 -0.11 -16.03
CA SER B 145 18.73 -0.21 -14.97
C SER B 145 18.75 1.02 -14.09
N VAL B 146 18.99 0.79 -12.80
CA VAL B 146 19.15 1.86 -11.81
C VAL B 146 20.28 1.48 -10.88
N VAL B 147 20.80 2.46 -10.15
CA VAL B 147 21.80 2.14 -9.15
CA VAL B 147 21.81 2.16 -9.14
C VAL B 147 21.21 2.31 -7.75
N LEU B 148 21.61 1.43 -6.85
CA LEU B 148 21.17 1.45 -5.47
C LEU B 148 22.39 1.60 -4.59
N GLY B 149 22.28 2.45 -3.57
CA GLY B 149 23.38 2.62 -2.65
C GLY B 149 23.11 1.93 -1.33
N THR B 150 24.20 1.58 -0.65
CA THR B 150 24.14 1.25 0.76
C THR B 150 25.46 1.71 1.38
N TRP B 151 25.84 1.17 2.52
CA TRP B 151 27.05 1.64 3.19
C TRP B 151 28.19 0.65 3.04
N GLU B 152 29.37 1.07 3.48
CA GLU B 152 30.57 0.23 3.41
C GLU B 152 30.37 -1.13 4.07
N ASP B 153 31.05 -2.12 3.53
CA ASP B 153 31.02 -3.47 4.10
C ASP B 153 29.60 -4.05 4.16
N ARG B 154 28.71 -3.56 3.31
CA ARG B 154 27.45 -4.23 3.03
C ARG B 154 27.55 -4.81 1.62
N ASP B 155 27.25 -6.09 1.45
CA ASP B 155 27.27 -6.69 0.11
C ASP B 155 25.96 -7.39 -0.30
N PHE B 156 25.77 -7.43 -1.61
CA PHE B 156 24.68 -8.13 -2.25
C PHE B 156 25.20 -9.22 -3.14
N ASP B 157 24.37 -10.22 -3.42
CA ASP B 157 24.71 -11.29 -4.35
C ASP B 157 24.41 -10.85 -5.78
N ILE B 158 25.35 -11.07 -6.69
CA ILE B 158 25.13 -10.79 -8.09
C ILE B 158 24.11 -11.76 -8.68
N ASN B 159 23.22 -11.23 -9.53
CA ASN B 159 22.24 -12.04 -10.27
C ASN B 159 21.28 -12.83 -9.38
N GLN B 160 20.89 -12.26 -8.25
CA GLN B 160 19.82 -12.81 -7.44
C GLN B 160 18.65 -11.85 -7.38
N PRO B 161 17.43 -12.37 -7.17
CA PRO B 161 16.24 -11.52 -7.08
C PRO B 161 16.37 -10.42 -6.03
N THR B 162 16.03 -9.20 -6.43
CA THR B 162 16.29 -8.01 -5.65
C THR B 162 15.06 -7.10 -5.68
N ARG B 163 14.80 -6.43 -4.56
CA ARG B 163 13.67 -5.48 -4.48
C ARG B 163 14.07 -4.29 -3.66
N PHE B 164 13.66 -3.10 -4.09
CA PHE B 164 13.82 -1.88 -3.31
C PHE B 164 12.47 -1.49 -2.72
N THR B 165 12.41 -1.45 -1.38
CA THR B 165 11.26 -0.97 -0.64
C THR B 165 11.49 0.49 -0.24
N PRO B 166 10.71 1.43 -0.78
CA PRO B 166 10.90 2.83 -0.38
C PRO B 166 10.37 3.11 1.01
N VAL B 167 11.00 4.03 1.73
CA VAL B 167 10.56 4.39 3.07
C VAL B 167 10.26 5.89 3.15
N GLY B 168 11.12 6.71 2.58
CA GLY B 168 10.94 8.16 2.65
C GLY B 168 12.08 8.87 1.97
N LEU B 169 12.36 10.09 2.42
CA LEU B 169 13.49 10.85 1.91
C LEU B 169 14.72 10.61 2.80
N TYR B 170 15.88 10.40 2.21
CA TYR B 170 17.11 10.29 2.98
C TYR B 170 17.52 11.66 3.50
N ASP B 171 17.44 12.65 2.63
CA ASP B 171 17.74 14.01 2.98
C ASP B 171 16.96 14.88 1.98
N THR B 172 17.16 16.20 2.02
CA THR B 172 16.38 17.09 1.15
C THR B 172 17.14 17.52 -0.09
N ASP B 173 18.38 17.06 -0.23
CA ASP B 173 19.18 17.44 -1.38
CA ASP B 173 19.20 17.40 -1.38
C ASP B 173 18.56 16.84 -2.65
N HIS B 174 18.40 17.68 -3.66
CA HIS B 174 17.76 17.34 -4.95
C HIS B 174 16.24 17.13 -4.86
N PHE B 175 15.65 17.26 -3.68
CA PHE B 175 14.23 16.97 -3.56
C PHE B 175 13.36 18.04 -4.21
N ASN B 176 12.60 17.61 -5.22
CA ASN B 176 11.61 18.47 -5.88
C ASN B 176 10.49 17.59 -6.37
N GLN B 177 9.34 17.62 -5.69
CA GLN B 177 8.27 16.68 -6.04
C GLN B 177 7.67 16.90 -7.43
N TRP B 178 7.88 18.08 -8.04
CA TRP B 178 7.32 18.32 -9.38
C TRP B 178 8.39 18.26 -10.47
N ALA B 179 9.59 17.79 -10.14
CA ALA B 179 10.65 17.62 -11.14
C ALA B 179 10.71 16.16 -11.52
N LEU B 180 10.42 15.83 -12.78
CA LEU B 180 10.47 14.46 -13.25
C LEU B 180 11.92 14.00 -13.40
N PRO B 181 12.18 12.74 -13.11
CA PRO B 181 13.50 12.18 -13.46
C PRO B 181 13.71 12.17 -14.96
N ASN B 182 14.96 12.02 -15.39
CA ASN B 182 15.25 11.60 -16.76
C ASN B 182 15.21 10.10 -16.76
N TYR B 183 14.09 9.54 -17.18
CA TYR B 183 13.93 8.11 -17.12
C TYR B 183 14.96 7.31 -17.94
N SER B 184 15.50 7.91 -19.01
CA SER B 184 16.56 7.28 -19.79
C SER B 184 17.93 7.94 -19.59
N GLY B 185 18.06 8.77 -18.56
CA GLY B 185 19.33 9.40 -18.28
C GLY B 185 19.60 10.70 -19.03
N ALA B 186 20.85 11.12 -18.90
CA ALA B 186 21.27 12.44 -19.38
C ALA B 186 21.02 12.67 -20.85
N LEU B 187 20.52 13.87 -21.14
CA LEU B 187 20.33 14.39 -22.50
C LEU B 187 19.29 13.63 -23.31
N THR B 188 18.44 12.86 -22.62
CA THR B 188 17.33 12.16 -23.25
C THR B 188 15.99 12.77 -22.88
N LEU B 189 15.04 12.63 -23.78
CA LEU B 189 13.67 13.07 -23.51
C LEU B 189 12.81 11.95 -22.94
N ASN B 190 11.99 12.28 -21.96
CA ASN B 190 11.00 11.36 -21.47
C ASN B 190 9.89 11.16 -22.51
N MET B 191 9.29 9.99 -22.53
CA MET B 191 8.29 9.64 -23.54
C MET B 191 7.03 9.04 -22.92
N ASN B 192 5.94 9.07 -23.68
CA ASN B 192 4.71 8.41 -23.25
C ASN B 192 4.17 8.97 -21.95
N LEU B 193 4.45 10.25 -21.68
CA LEU B 193 4.06 10.88 -20.41
C LEU B 193 2.58 11.16 -20.32
N ALA B 194 2.05 10.99 -19.11
CA ALA B 194 0.76 11.57 -18.79
C ALA B 194 0.93 13.09 -18.90
N PRO B 195 -0.11 13.78 -19.39
CA PRO B 195 0.03 15.22 -19.62
C PRO B 195 0.12 16.03 -18.35
N SER B 196 0.71 17.21 -18.48
CA SER B 196 0.67 18.19 -17.39
C SER B 196 -0.76 18.66 -17.14
N VAL B 197 -1.03 19.12 -15.93
CA VAL B 197 -2.37 19.58 -15.58
C VAL B 197 -2.33 20.98 -15.00
N ALA B 198 -3.38 21.73 -15.27
CA ALA B 198 -3.54 23.09 -14.77
C ALA B 198 -5.00 23.46 -14.87
N PRO B 199 -5.44 24.43 -14.06
CA PRO B 199 -6.82 24.93 -14.23
C PRO B 199 -7.06 25.51 -15.63
N LEU B 200 -8.29 25.36 -16.13
CA LEU B 200 -8.68 25.79 -17.47
C LEU B 200 -9.61 26.99 -17.38
N PHE B 201 -10.08 27.26 -16.16
CA PHE B 201 -11.11 28.27 -15.92
C PHE B 201 -10.56 29.27 -14.92
N PRO B 202 -10.86 30.56 -15.10
CA PRO B 202 -10.28 31.55 -14.20
C PRO B 202 -10.71 31.45 -12.75
N GLY B 203 -9.79 31.79 -11.85
CA GLY B 203 -10.07 31.79 -10.43
C GLY B 203 -9.95 30.41 -9.78
N GLU B 204 -9.40 29.44 -10.49
CA GLU B 204 -9.27 28.08 -9.93
C GLU B 204 -7.83 27.68 -9.69
N GLN B 205 -7.68 26.67 -8.82
CA GLN B 205 -6.39 26.06 -8.49
C GLN B 205 -6.58 24.57 -8.43
N LEU B 206 -5.48 23.83 -8.63
CA LEU B 206 -5.50 22.40 -8.40
C LEU B 206 -5.78 22.11 -6.93
N LEU B 207 -6.46 20.99 -6.70
CA LEU B 207 -6.65 20.42 -5.37
C LEU B 207 -5.89 19.12 -5.31
N PHE B 208 -5.09 18.95 -4.26
CA PHE B 208 -4.22 17.79 -4.09
C PHE B 208 -4.60 17.00 -2.86
N PHE B 209 -4.30 15.71 -2.91
CA PHE B 209 -4.33 14.84 -1.74
C PHE B 209 -2.87 14.71 -1.29
N ARG B 210 -2.58 15.25 -0.11
CA ARG B 210 -1.22 15.45 0.36
C ARG B 210 -0.82 14.46 1.45
N SER B 211 0.39 13.93 1.34
CA SER B 211 1.04 13.20 2.42
C SER B 211 2.34 13.88 2.83
N HIS B 212 2.62 13.83 4.12
CA HIS B 212 3.91 14.28 4.65
C HIS B 212 4.77 13.05 4.93
N ILE B 213 5.66 12.70 3.99
CA ILE B 213 6.35 11.40 4.07
C ILE B 213 7.56 11.50 4.96
N PRO B 214 8.10 10.35 5.39
CA PRO B 214 9.22 10.39 6.33
C PRO B 214 10.48 11.00 5.74
N LEU B 215 11.28 11.60 6.61
CA LEU B 215 12.56 12.18 6.27
C LEU B 215 13.59 11.72 7.30
N LYS B 216 14.69 11.15 6.82
CA LYS B 216 15.68 10.54 7.72
C LYS B 216 16.48 11.59 8.49
N GLY B 217 16.76 12.72 7.84
CA GLY B 217 17.46 13.81 8.49
C GLY B 217 17.28 15.07 7.70
N GLY B 218 17.18 16.20 8.39
CA GLY B 218 16.93 17.49 7.77
C GLY B 218 15.62 18.13 8.17
N THR B 219 15.28 19.19 7.45
CA THR B 219 14.09 19.98 7.71
C THR B 219 13.24 20.06 6.45
N SER B 220 12.03 19.52 6.53
CA SER B 220 11.08 19.54 5.41
C SER B 220 9.74 19.03 5.86
N ASN B 221 8.67 19.54 5.26
CA ASN B 221 7.34 18.98 5.50
C ASN B 221 7.12 17.68 4.70
N GLY B 222 8.10 17.32 3.89
CA GLY B 222 8.06 16.10 3.08
C GLY B 222 6.81 15.93 2.23
N ALA B 223 6.29 17.02 1.68
CA ALA B 223 5.00 16.95 1.00
C ALA B 223 5.08 16.27 -0.35
N ILE B 224 4.22 15.25 -0.50
CA ILE B 224 3.98 14.59 -1.77
C ILE B 224 2.48 14.73 -2.06
N ASP B 225 2.19 15.49 -3.11
CA ASP B 225 0.84 15.78 -3.53
C ASP B 225 0.43 14.90 -4.71
N CYS B 226 -0.67 14.15 -4.59
CA CYS B 226 -1.16 13.37 -5.72
C CYS B 226 -2.48 13.94 -6.24
N LEU B 227 -2.75 13.67 -7.51
CA LEU B 227 -3.93 14.22 -8.18
C LEU B 227 -5.20 13.46 -7.83
N LEU B 228 -5.00 12.15 -7.62
CA LEU B 228 -6.03 11.18 -7.26
C LEU B 228 -5.46 10.28 -6.20
N PRO B 229 -6.23 10.00 -5.13
CA PRO B 229 -5.74 8.91 -4.26
C PRO B 229 -5.69 7.57 -4.95
N GLN B 230 -4.87 6.66 -4.42
CA GLN B 230 -4.70 5.39 -5.09
C GLN B 230 -6.04 4.64 -5.19
N GLU B 231 -6.89 4.79 -4.19
CA GLU B 231 -8.17 4.11 -4.22
C GLU B 231 -9.07 4.63 -5.33
N TRP B 232 -8.92 5.90 -5.72
CA TRP B 232 -9.77 6.37 -6.84
C TRP B 232 -9.26 5.80 -8.16
N VAL B 233 -7.94 5.71 -8.33
CA VAL B 233 -7.35 5.04 -9.49
C VAL B 233 -7.88 3.61 -9.55
N GLN B 234 -7.84 2.92 -8.42
CA GLN B 234 -8.30 1.53 -8.37
C GLN B 234 -9.80 1.40 -8.68
N HIS B 235 -10.61 2.33 -8.18
CA HIS B 235 -12.04 2.35 -8.40
C HIS B 235 -12.39 2.59 -9.88
N PHE B 236 -11.76 3.59 -10.49
CA PHE B 236 -12.05 3.92 -11.88
C PHE B 236 -11.62 2.76 -12.79
N TYR B 237 -10.48 2.16 -12.49
CA TYR B 237 -10.02 1.01 -13.26
C TYR B 237 -11.07 -0.13 -13.24
N GLN B 238 -11.63 -0.42 -12.08
CA GLN B 238 -12.66 -1.47 -11.97
C GLN B 238 -13.97 -1.09 -12.65
N GLU B 239 -14.44 0.14 -12.37
CA GLU B 239 -15.75 0.57 -12.81
C GLU B 239 -15.81 0.83 -14.31
N SER B 240 -14.80 1.50 -14.83
CA SER B 240 -14.77 1.93 -16.23
C SER B 240 -16.10 2.56 -16.69
N ALA B 241 -16.64 3.48 -15.88
CA ALA B 241 -17.87 4.18 -16.24
C ALA B 241 -17.56 5.26 -17.27
N PRO B 242 -18.36 5.34 -18.34
CA PRO B 242 -18.06 6.36 -19.36
C PRO B 242 -18.31 7.79 -18.85
N SER B 243 -17.49 8.74 -19.31
CA SER B 243 -17.62 10.12 -18.89
C SER B 243 -18.57 10.87 -19.81
N SER B 244 -19.60 11.51 -19.27
CA SER B 244 -20.64 12.13 -20.11
C SER B 244 -20.22 13.49 -20.63
N THR B 245 -19.36 14.17 -19.85
CA THR B 245 -18.76 15.45 -20.28
C THR B 245 -17.29 15.46 -19.84
N ASP B 246 -16.59 16.59 -20.00
CA ASP B 246 -15.16 16.65 -19.67
C ASP B 246 -14.96 17.01 -18.20
N VAL B 247 -16.05 17.29 -17.49
CA VAL B 247 -15.98 17.75 -16.10
C VAL B 247 -17.13 17.20 -15.25
N ALA B 248 -16.74 16.54 -14.15
CA ALA B 248 -17.68 16.07 -13.14
C ALA B 248 -17.71 17.04 -11.94
N LEU B 249 -18.90 17.52 -11.59
CA LEU B 249 -19.06 18.30 -10.35
C LEU B 249 -19.13 17.36 -9.15
N ILE B 250 -18.24 17.55 -8.17
CA ILE B 250 -18.21 16.69 -7.00
C ILE B 250 -18.32 17.56 -5.75
N ARG B 251 -18.92 17.01 -4.71
CA ARG B 251 -19.18 17.76 -3.50
C ARG B 251 -18.75 16.98 -2.26
N TYR B 252 -18.03 17.65 -1.37
CA TYR B 252 -17.51 16.99 -0.19
C TYR B 252 -18.59 16.99 0.87
N THR B 253 -19.14 15.82 1.14
CA THR B 253 -20.39 15.69 1.90
C THR B 253 -20.30 14.77 3.11
N ASN B 254 -20.89 15.19 4.23
CA ASN B 254 -21.05 14.32 5.40
C ASN B 254 -22.31 13.46 5.24
N PRO B 255 -22.16 12.12 5.16
CA PRO B 255 -23.31 11.28 4.86
C PRO B 255 -24.28 11.15 6.02
N ASP B 256 -23.85 11.56 7.22
CA ASP B 256 -24.70 11.44 8.39
C ASP B 256 -25.74 12.55 8.44
N THR B 257 -25.35 13.73 7.98
CA THR B 257 -26.21 14.91 8.08
C THR B 257 -26.62 15.50 6.74
N GLY B 258 -25.86 15.17 5.71
CA GLY B 258 -26.08 15.75 4.40
C GLY B 258 -25.37 17.08 4.22
N ARG B 259 -24.69 17.54 5.27
CA ARG B 259 -23.98 18.81 5.22
C ARG B 259 -22.86 18.78 4.18
N VAL B 260 -22.88 19.73 3.25
CA VAL B 260 -21.88 19.82 2.19
C VAL B 260 -20.88 20.92 2.55
N LEU B 261 -19.59 20.58 2.60
CA LEU B 261 -18.53 21.55 2.92
C LEU B 261 -18.18 22.43 1.71
N PHE B 262 -17.84 21.82 0.57
CA PHE B 262 -17.44 22.59 -0.62
C PHE B 262 -17.61 21.75 -1.86
N GLU B 263 -17.49 22.38 -3.03
CA GLU B 263 -17.59 21.68 -4.30
C GLU B 263 -16.34 21.90 -5.15
N ALA B 264 -16.14 21.00 -6.11
CA ALA B 264 -14.94 21.00 -6.94
C ALA B 264 -15.25 20.40 -8.31
N LYS B 265 -14.35 20.63 -9.26
CA LYS B 265 -14.39 20.01 -10.58
C LYS B 265 -13.44 18.85 -10.65
N LEU B 266 -13.95 17.69 -11.04
CA LEU B 266 -13.15 16.50 -11.30
C LEU B 266 -13.07 16.32 -12.81
N HIS B 267 -11.90 16.58 -13.36
CA HIS B 267 -11.69 16.61 -14.79
C HIS B 267 -11.50 15.24 -15.38
N ARG B 268 -11.90 15.09 -16.65
CA ARG B 268 -11.86 13.78 -17.31
CA ARG B 268 -11.84 13.80 -17.35
C ARG B 268 -10.46 13.16 -17.29
N GLN B 269 -9.42 13.97 -17.42
CA GLN B 269 -8.04 13.50 -17.41
C GLN B 269 -7.56 13.06 -16.04
N GLY B 270 -8.35 13.33 -14.99
CA GLY B 270 -8.06 12.80 -13.66
C GLY B 270 -7.34 13.73 -12.72
N PHE B 271 -7.93 14.90 -12.48
CA PHE B 271 -7.42 15.85 -11.51
C PHE B 271 -8.57 16.76 -11.09
N ILE B 272 -8.37 17.45 -9.97
CA ILE B 272 -9.40 18.26 -9.35
C ILE B 272 -8.98 19.71 -9.34
N THR B 273 -9.93 20.59 -9.63
CA THR B 273 -9.75 22.03 -9.41
C THR B 273 -10.84 22.58 -8.50
N VAL B 274 -10.47 23.65 -7.80
CA VAL B 274 -11.36 24.34 -6.89
C VAL B 274 -11.28 25.84 -7.10
N ALA B 275 -12.34 26.55 -6.73
CA ALA B 275 -12.31 28.01 -6.77
C ALA B 275 -11.68 28.47 -5.47
N ASN B 276 -10.40 28.83 -5.55
CA ASN B 276 -9.63 29.16 -4.36
C ASN B 276 -8.40 29.93 -4.80
N SER B 277 -7.85 30.70 -3.88
CA SER B 277 -6.59 31.40 -4.11
C SER B 277 -5.65 31.16 -2.91
N GLY B 278 -4.36 31.04 -3.18
CA GLY B 278 -3.38 30.92 -2.12
C GLY B 278 -3.05 29.48 -1.84
N SER B 279 -1.94 29.28 -1.14
CA SER B 279 -1.46 27.97 -0.75
C SER B 279 -1.90 27.70 0.67
N ARG B 280 -2.74 26.69 0.86
CA ARG B 280 -3.23 26.39 2.20
C ARG B 280 -3.75 24.97 2.26
N PRO B 281 -3.62 24.34 3.44
CA PRO B 281 -4.32 23.08 3.66
C PRO B 281 -5.78 23.41 3.86
N ILE B 282 -6.57 22.37 3.68
CA ILE B 282 -7.99 22.40 3.77
C ILE B 282 -8.30 21.42 4.90
N VAL B 283 -9.26 21.75 5.75
CA VAL B 283 -9.71 20.84 6.80
C VAL B 283 -11.10 20.34 6.42
N VAL B 284 -11.27 19.04 6.44
CA VAL B 284 -12.55 18.43 6.11
C VAL B 284 -13.11 17.67 7.31
N PRO B 285 -14.43 17.45 7.31
CA PRO B 285 -15.02 16.62 8.37
C PRO B 285 -14.47 15.19 8.29
N PRO B 286 -14.11 14.60 9.43
CA PRO B 286 -13.54 13.25 9.38
C PRO B 286 -14.46 12.20 8.75
N ASN B 287 -15.77 12.40 8.83
CA ASN B 287 -16.72 11.41 8.31
C ASN B 287 -17.17 11.70 6.88
N GLY B 288 -16.73 12.81 6.31
CA GLY B 288 -17.16 13.17 4.98
C GLY B 288 -16.35 12.55 3.84
N TYR B 289 -16.89 12.66 2.64
CA TYR B 289 -16.17 12.27 1.45
C TYR B 289 -16.78 12.93 0.22
N PHE B 290 -16.02 13.00 -0.87
CA PHE B 290 -16.53 13.51 -2.12
C PHE B 290 -17.57 12.57 -2.69
N ARG B 291 -18.66 13.14 -3.16
CA ARG B 291 -19.66 12.42 -3.93
C ARG B 291 -19.82 13.06 -5.31
N PHE B 292 -20.02 12.24 -6.33
CA PHE B 292 -20.35 12.73 -7.65
C PHE B 292 -21.75 13.33 -7.63
N ASP B 293 -21.88 14.56 -8.14
CA ASP B 293 -23.15 15.25 -8.16
C ASP B 293 -23.79 15.26 -9.54
N SER B 294 -23.03 15.71 -10.54
CA SER B 294 -23.55 15.85 -11.88
C SER B 294 -22.43 16.16 -12.88
N TRP B 295 -22.70 15.84 -14.14
N TRP B 295 -22.69 15.98 -14.17
CA TRP B 295 -21.84 16.25 -15.22
CA TRP B 295 -21.78 16.41 -15.23
C TRP B 295 -22.13 17.68 -15.57
C TRP B 295 -21.99 17.88 -15.61
N VAL B 296 -21.11 18.50 -15.47
N VAL B 296 -20.94 18.57 -16.05
CA VAL B 296 -21.21 19.87 -15.92
CA VAL B 296 -21.08 20.00 -16.41
C VAL B 296 -20.26 19.99 -17.08
C VAL B 296 -20.27 20.44 -17.66
N ASN B 297 -19.63 21.15 -17.22
N ASN B 297 -20.58 21.64 -18.18
CA ASN B 297 -18.59 21.31 -18.22
CA ASN B 297 -19.96 22.12 -19.43
C ASN B 297 -17.54 22.30 -17.72
C ASN B 297 -18.59 22.77 -19.20
N GLN B 298 -16.59 22.64 -18.57
N GLN B 298 -18.10 23.54 -20.18
CA GLN B 298 -15.47 23.46 -18.13
CA GLN B 298 -16.73 24.05 -20.14
C GLN B 298 -15.86 24.91 -17.82
C GLN B 298 -16.59 25.32 -19.30
N PHE B 299 -17.04 25.36 -18.28
N PHE B 299 -17.70 25.79 -18.75
CA PHE B 299 -17.50 26.76 -18.08
CA PHE B 299 -17.70 27.07 -18.07
C PHE B 299 -18.32 26.97 -16.81
C PHE B 299 -18.53 27.00 -16.79
N TYR B 300 -18.41 25.91 -16.03
CA TYR B 300 -19.13 25.89 -14.75
C TYR B 300 -18.38 26.73 -13.73
N SER B 301 -19.09 27.66 -13.09
CA SER B 301 -18.49 28.54 -12.10
C SER B 301 -18.70 27.95 -10.72
N LEU B 302 -17.62 27.53 -10.08
CA LEU B 302 -17.70 26.89 -8.78
C LEU B 302 -18.02 27.89 -7.71
N ALA B 303 -18.75 27.45 -6.68
CA ALA B 303 -18.89 28.24 -5.48
C ALA B 303 -17.50 28.40 -4.87
N PRO B 304 -17.09 29.62 -4.56
CA PRO B 304 -15.79 29.82 -3.94
C PRO B 304 -15.66 29.18 -2.57
N MET B 305 -14.56 28.51 -2.35
CA MET B 305 -14.23 28.00 -1.03
C MET B 305 -13.99 29.14 -0.05
#